data_5MKR
#
_entry.id   5MKR
#
_cell.length_a   50.677
_cell.length_b   86.400
_cell.length_c   100.232
_cell.angle_alpha   90.00
_cell.angle_beta   90.00
_cell.angle_gamma   90.00
#
_symmetry.space_group_name_H-M   'P 21 21 21'
#
loop_
_entity.id
_entity.type
_entity.pdbx_description
1 polymer 'Heat shock 70 kDa protein 1A'
2 non-polymer '3-[(2~{R},3~{S},4~{R},5~{R})-5-[6-azanyl-8-[(4-chlorophenyl)methylamino]purin-9-yl]-3,4-bis(oxidanyl)oxolan-2-yl]propyl prop-2-enoate'
3 non-polymer 'CITRATE ANION'
4 water water
#
_entity_poly.entity_id   1
_entity_poly.type   'polypeptide(L)'
_entity_poly.pdbx_seq_one_letter_code
;GPLGSMAKAAAIGIDLGTTYSCVGVFQHGKVEIIANDQGNRTTPSYVAFTDTERLIGDAAKNQVALNPQNTVFDAKRLIG
RKFGDPVVQSDMKHWPFQVINDGDKPKVQVSYKGETKAFYPEEISSMVLTKMKEIAEAYLGYPVTNAVITVPAYFNDSQR
QATKDAGVIAGLNVLRIINEPTAAAIAYGLDRTGKGERNVLIFDLGGGTFDVSILTIDDGIFEVKATAGDTHLGGEDFDN
RLVNHFVEEFKRKHKKDISQNKRAVRRLRTACERAKRTLSSSTQASLEIDSLFEGIDFYTSITRARFEELCSDLFRSTLE
PVEKALRDAKLDKAQIHDLVLVGGSTRIPKVQKLLQDFFNGRDLNKSINPDEAVAYGAAVQAAILIKSTRAAAS
;
_entity_poly.pdbx_strand_id   A
#
loop_
_chem_comp.id
_chem_comp.type
_chem_comp.name
_chem_comp.formula
FLC non-polymer 'CITRATE ANION' 'C6 H5 O7 -3'
TI8 non-polymer '3-[(2~{R},3~{S},4~{R},5~{R})-5-[6-azanyl-8-[(4-chlorophenyl)methylamino]purin-9-yl]-3,4-bis(oxidanyl)oxolan-2-yl]propyl prop-2-enoate' 'C22 H25 Cl N6 O5'
#
# COMPACT_ATOMS: atom_id res chain seq x y z
N MET A 6 -35.32 -5.47 12.44
CA MET A 6 -34.15 -5.02 13.18
C MET A 6 -33.31 -4.05 12.36
N ALA A 7 -32.23 -3.49 12.97
CA ALA A 7 -31.30 -2.60 12.29
C ALA A 7 -30.78 -3.26 11.01
N LYS A 8 -30.70 -2.48 9.94
CA LYS A 8 -30.20 -2.92 8.64
C LYS A 8 -28.66 -3.14 8.64
N ALA A 9 -28.18 -3.99 7.69
CA ALA A 9 -26.75 -4.30 7.54
C ALA A 9 -25.82 -3.04 7.34
N ALA A 10 -24.65 -3.07 7.97
CA ALA A 10 -23.76 -1.92 7.79
C ALA A 10 -23.08 -1.99 6.41
N ALA A 11 -22.54 -0.87 5.92
CA ALA A 11 -21.76 -0.82 4.67
C ALA A 11 -20.28 -0.75 5.10
N ILE A 12 -19.39 -1.29 4.27
CA ILE A 12 -17.96 -1.33 4.62
C ILE A 12 -17.14 -0.41 3.71
N GLY A 13 -15.98 -0.01 4.22
CA GLY A 13 -15.02 0.81 3.52
C GLY A 13 -13.78 -0.03 3.27
N ILE A 14 -13.40 -0.18 2.00
CA ILE A 14 -12.28 -1.03 1.64
C ILE A 14 -11.19 -0.25 0.99
N ASP A 15 -10.00 -0.31 1.57
CA ASP A 15 -8.80 0.23 0.98
C ASP A 15 -8.22 -0.95 0.19
N LEU A 16 -8.38 -0.93 -1.16
CA LEU A 16 -7.83 -1.99 -2.03
C LEU A 16 -6.43 -1.55 -2.48
N GLY A 17 -5.46 -1.89 -1.66
CA GLY A 17 -4.07 -1.46 -1.85
C GLY A 17 -3.27 -2.31 -2.82
N THR A 18 -2.14 -1.74 -3.30
CA THR A 18 -1.26 -2.43 -4.22
C THR A 18 -0.75 -3.73 -3.61
N THR A 19 -0.28 -3.69 -2.35
CA THR A 19 0.25 -4.92 -1.74
C THR A 19 -0.52 -5.32 -0.48
N TYR A 20 -1.28 -4.39 0.15
CA TYR A 20 -2.09 -4.72 1.32
C TYR A 20 -3.45 -4.08 1.19
N SER A 21 -4.46 -4.73 1.73
CA SER A 21 -5.81 -4.18 1.78
C SER A 21 -6.28 -4.05 3.23
N CYS A 22 -7.32 -3.27 3.46
CA CYS A 22 -7.80 -3.00 4.81
C CYS A 22 -9.28 -2.71 4.72
N VAL A 23 -10.07 -3.24 5.67
CA VAL A 23 -11.52 -3.08 5.70
C VAL A 23 -11.98 -2.51 7.07
N GLY A 24 -12.89 -1.54 7.01
CA GLY A 24 -13.44 -0.89 8.19
C GLY A 24 -14.95 -0.81 8.14
N VAL A 25 -15.57 -0.63 9.30
CA VAL A 25 -17.02 -0.48 9.41
C VAL A 25 -17.28 0.64 10.42
N PHE A 26 -18.22 1.53 10.13
CA PHE A 26 -18.59 2.60 11.04
C PHE A 26 -19.86 2.18 11.76
N GLN A 27 -19.76 2.01 13.08
CA GLN A 27 -20.88 1.59 13.94
C GLN A 27 -20.76 2.30 15.26
N HIS A 28 -21.90 2.66 15.86
CA HIS A 28 -21.93 3.34 17.16
C HIS A 28 -21.06 4.60 17.20
N GLY A 29 -21.06 5.33 16.09
CA GLY A 29 -20.35 6.59 15.94
C GLY A 29 -18.85 6.48 15.83
N LYS A 30 -18.30 5.28 15.58
CA LYS A 30 -16.86 5.07 15.46
C LYS A 30 -16.50 3.99 14.44
N VAL A 31 -15.25 4.06 13.93
CA VAL A 31 -14.73 3.11 12.96
C VAL A 31 -14.10 1.94 13.69
N GLU A 32 -14.45 0.74 13.25
CA GLU A 32 -13.87 -0.52 13.66
C GLU A 32 -13.06 -1.00 12.44
N ILE A 33 -11.71 -1.11 12.55
CA ILE A 33 -10.92 -1.72 11.45
C ILE A 33 -11.01 -3.19 11.82
N ILE A 34 -11.47 -4.01 10.89
CA ILE A 34 -11.75 -5.42 11.14
C ILE A 34 -10.54 -6.34 10.91
N ALA A 35 -10.16 -7.13 11.93
CA ALA A 35 -9.09 -8.10 11.83
C ALA A 35 -9.56 -9.32 11.03
N ASN A 36 -8.65 -9.91 10.25
CA ASN A 36 -8.90 -11.06 9.42
C ASN A 36 -8.83 -12.38 10.23
N ASP A 37 -8.97 -13.55 9.57
CA ASP A 37 -8.97 -14.84 10.27
C ASP A 37 -7.63 -15.16 10.98
N GLN A 38 -6.53 -14.45 10.65
CA GLN A 38 -5.21 -14.62 11.28
C GLN A 38 -4.96 -13.50 12.34
N GLY A 39 -6.00 -12.69 12.61
CA GLY A 39 -5.96 -11.58 13.57
C GLY A 39 -5.25 -10.33 13.09
N ASN A 40 -5.04 -10.21 11.77
CA ASN A 40 -4.32 -9.08 11.19
C ASN A 40 -5.27 -7.98 10.70
N ARG A 41 -4.98 -6.74 11.08
CA ARG A 41 -5.78 -5.57 10.68
C ARG A 41 -5.61 -5.15 9.21
N THR A 42 -4.63 -5.73 8.50
CA THR A 42 -4.46 -5.52 7.05
C THR A 42 -4.26 -6.91 6.46
N THR A 43 -4.60 -7.08 5.20
CA THR A 43 -4.47 -8.34 4.50
C THR A 43 -3.70 -8.14 3.18
N PRO A 44 -2.69 -8.97 2.91
CA PRO A 44 -1.94 -8.81 1.66
C PRO A 44 -2.87 -8.96 0.46
N SER A 45 -2.69 -8.12 -0.56
CA SER A 45 -3.45 -8.21 -1.80
C SER A 45 -2.75 -9.21 -2.75
N TYR A 46 -2.71 -10.48 -2.34
CA TYR A 46 -2.02 -11.55 -3.00
C TYR A 46 -2.97 -12.71 -3.22
N VAL A 47 -2.87 -13.31 -4.38
CA VAL A 47 -3.68 -14.48 -4.74
C VAL A 47 -2.68 -15.54 -5.24
N ALA A 48 -2.57 -16.66 -4.53
CA ALA A 48 -1.70 -17.76 -4.90
C ALA A 48 -2.49 -18.93 -5.44
N PHE A 49 -1.99 -19.52 -6.52
CA PHE A 49 -2.60 -20.68 -7.19
C PHE A 49 -1.64 -21.82 -7.02
N THR A 50 -2.10 -22.91 -6.42
CA THR A 50 -1.23 -24.06 -6.15
C THR A 50 -1.75 -25.31 -6.89
N ASP A 51 -1.08 -26.45 -6.64
CA ASP A 51 -1.50 -27.70 -7.27
C ASP A 51 -2.91 -28.11 -6.79
N THR A 52 -3.36 -27.63 -5.61
CA THR A 52 -4.63 -28.06 -5.05
C THR A 52 -5.61 -26.96 -4.65
N GLU A 53 -5.15 -25.70 -4.52
CA GLU A 53 -6.08 -24.65 -4.07
C GLU A 53 -5.68 -23.26 -4.48
N ARG A 54 -6.61 -22.32 -4.25
CA ARG A 54 -6.45 -20.89 -4.47
C ARG A 54 -6.39 -20.24 -3.08
N LEU A 55 -5.25 -19.61 -2.74
CA LEU A 55 -5.03 -18.94 -1.45
C LEU A 55 -5.12 -17.43 -1.64
N ILE A 56 -5.72 -16.71 -0.66
CA ILE A 56 -5.88 -15.25 -0.72
C ILE A 56 -5.45 -14.62 0.60
N GLY A 57 -4.68 -13.55 0.50
CA GLY A 57 -4.24 -12.83 1.68
C GLY A 57 -3.03 -13.43 2.33
N ASP A 58 -3.04 -13.51 3.66
CA ASP A 58 -1.90 -14.01 4.43
C ASP A 58 -1.38 -15.34 3.98
N ALA A 59 -2.30 -16.31 3.73
CA ALA A 59 -1.93 -17.66 3.28
C ALA A 59 -1.18 -17.63 1.95
N ALA A 60 -1.55 -16.69 1.05
CA ALA A 60 -0.87 -16.55 -0.23
C ALA A 60 0.49 -15.90 -0.04
N LYS A 61 0.57 -14.81 0.74
CA LYS A 61 1.82 -14.13 1.01
C LYS A 61 2.83 -15.06 1.71
N ASN A 62 2.35 -15.90 2.64
CA ASN A 62 3.21 -16.83 3.40
C ASN A 62 3.93 -17.86 2.55
N GLN A 63 3.33 -18.31 1.43
CA GLN A 63 3.97 -19.35 0.60
C GLN A 63 4.64 -18.81 -0.67
N VAL A 64 4.78 -17.50 -0.82
CA VAL A 64 5.35 -16.86 -2.01
C VAL A 64 6.78 -17.39 -2.36
N ALA A 65 7.66 -17.61 -1.35
CA ALA A 65 9.03 -18.10 -1.59
C ALA A 65 9.06 -19.47 -2.29
N LEU A 66 8.09 -20.35 -1.96
CA LEU A 66 7.97 -21.70 -2.51
C LEU A 66 7.17 -21.77 -3.81
N ASN A 67 6.46 -20.68 -4.18
CA ASN A 67 5.62 -20.70 -5.38
C ASN A 67 5.60 -19.31 -6.06
N PRO A 68 6.76 -18.75 -6.45
CA PRO A 68 6.76 -17.37 -6.99
C PRO A 68 6.07 -17.15 -8.34
N GLN A 69 6.09 -18.16 -9.22
CA GLN A 69 5.51 -18.02 -10.56
C GLN A 69 3.99 -17.97 -10.51
N ASN A 70 3.38 -18.55 -9.47
CA ASN A 70 1.91 -18.64 -9.36
C ASN A 70 1.29 -17.81 -8.21
N THR A 71 2.09 -16.91 -7.57
CA THR A 71 1.57 -16.05 -6.51
C THR A 71 1.48 -14.65 -7.10
N VAL A 72 0.25 -14.21 -7.34
CA VAL A 72 -0.03 -12.92 -7.95
C VAL A 72 -0.18 -11.83 -6.92
N PHE A 73 0.45 -10.69 -7.20
CA PHE A 73 0.37 -9.47 -6.41
C PHE A 73 0.47 -8.32 -7.41
N ASP A 74 0.32 -7.07 -6.97
CA ASP A 74 0.42 -5.88 -7.85
C ASP A 74 -0.59 -5.86 -9.02
N ALA A 75 -1.73 -6.59 -8.91
CA ALA A 75 -2.73 -6.51 -9.97
C ALA A 75 -3.24 -5.06 -10.16
N LYS A 76 -3.18 -4.24 -9.09
CA LYS A 76 -3.58 -2.82 -9.11
C LYS A 76 -2.73 -2.03 -10.11
N ARG A 77 -1.50 -2.48 -10.33
CA ARG A 77 -0.58 -1.82 -11.28
C ARG A 77 -1.03 -2.05 -12.76
N LEU A 78 -1.79 -3.15 -13.00
CA LEU A 78 -2.33 -3.55 -14.29
C LEU A 78 -3.77 -3.12 -14.52
N ILE A 79 -4.55 -2.98 -13.45
CA ILE A 79 -6.01 -2.78 -13.55
C ILE A 79 -6.40 -1.57 -14.40
N GLY A 80 -7.38 -1.78 -15.30
CA GLY A 80 -7.85 -0.73 -16.20
C GLY A 80 -6.84 -0.27 -17.23
N ARG A 81 -5.69 -0.98 -17.40
CA ARG A 81 -4.69 -0.61 -18.39
C ARG A 81 -4.73 -1.51 -19.60
N LYS A 82 -4.27 -0.99 -20.73
CA LYS A 82 -4.17 -1.75 -21.96
C LYS A 82 -2.84 -2.51 -21.89
N PHE A 83 -2.73 -3.67 -22.57
CA PHE A 83 -1.49 -4.45 -22.54
C PHE A 83 -0.33 -3.60 -23.05
N GLY A 84 -0.61 -2.77 -24.06
CA GLY A 84 0.32 -1.89 -24.74
C GLY A 84 0.82 -0.71 -23.95
N ASP A 85 0.15 -0.41 -22.82
CA ASP A 85 0.55 0.69 -21.95
C ASP A 85 2.04 0.50 -21.57
N PRO A 86 2.91 1.51 -21.80
CA PRO A 86 4.34 1.36 -21.44
C PRO A 86 4.58 1.07 -19.96
N VAL A 87 3.62 1.45 -19.09
CA VAL A 87 3.68 1.15 -17.66
C VAL A 87 3.59 -0.39 -17.48
N VAL A 88 2.65 -1.05 -18.22
CA VAL A 88 2.45 -2.51 -18.15
C VAL A 88 3.73 -3.22 -18.65
N GLN A 89 4.22 -2.82 -19.82
CA GLN A 89 5.40 -3.40 -20.47
C GLN A 89 6.66 -3.33 -19.60
N SER A 90 6.85 -2.22 -18.87
CA SER A 90 7.98 -2.04 -17.96
C SER A 90 7.82 -2.91 -16.70
N ASP A 91 6.65 -2.83 -16.03
CA ASP A 91 6.35 -3.57 -14.80
C ASP A 91 6.47 -5.07 -15.00
N MET A 92 6.01 -5.59 -16.17
CA MET A 92 6.09 -7.01 -16.55
C MET A 92 7.49 -7.59 -16.43
N LYS A 93 8.52 -6.79 -16.74
CA LYS A 93 9.93 -7.21 -16.73
C LYS A 93 10.45 -7.60 -15.34
N HIS A 94 9.74 -7.19 -14.26
CA HIS A 94 10.19 -7.45 -12.89
C HIS A 94 9.29 -8.40 -12.09
N TRP A 95 8.15 -8.82 -12.62
CA TRP A 95 7.28 -9.75 -11.90
C TRP A 95 7.67 -11.21 -12.11
N PRO A 96 7.50 -12.06 -11.07
CA PRO A 96 7.83 -13.50 -11.25
C PRO A 96 6.76 -14.24 -12.02
N PHE A 97 5.54 -13.71 -12.04
CA PHE A 97 4.40 -14.32 -12.75
C PHE A 97 4.35 -13.82 -14.18
N GLN A 98 3.69 -14.57 -15.04
CA GLN A 98 3.55 -14.23 -16.45
C GLN A 98 2.37 -13.28 -16.71
N VAL A 99 2.55 -12.32 -17.62
CA VAL A 99 1.46 -11.43 -18.04
C VAL A 99 1.32 -11.66 -19.55
N ILE A 100 0.10 -11.98 -20.02
CA ILE A 100 -0.19 -12.24 -21.42
C ILE A 100 -1.12 -11.18 -21.98
N ASN A 101 -1.24 -11.12 -23.31
CA ASN A 101 -2.10 -10.19 -24.01
C ASN A 101 -3.33 -10.93 -24.49
N ASP A 102 -4.50 -10.34 -24.25
CA ASP A 102 -5.76 -10.83 -24.80
C ASP A 102 -6.53 -9.61 -25.34
N GLY A 103 -6.35 -9.34 -26.63
CA GLY A 103 -6.98 -8.22 -27.36
C GLY A 103 -6.66 -6.84 -26.79
N ASP A 104 -5.37 -6.59 -26.53
CA ASP A 104 -4.79 -5.40 -25.91
C ASP A 104 -5.23 -5.29 -24.43
N LYS A 105 -5.69 -6.40 -23.82
CA LYS A 105 -6.04 -6.44 -22.39
C LYS A 105 -5.09 -7.41 -21.69
N PRO A 106 -4.37 -6.95 -20.65
CA PRO A 106 -3.44 -7.85 -19.96
C PRO A 106 -4.18 -8.89 -19.14
N LYS A 107 -3.60 -10.07 -19.04
CA LYS A 107 -4.10 -11.15 -18.19
C LYS A 107 -2.90 -11.73 -17.47
N VAL A 108 -3.04 -12.05 -16.18
CA VAL A 108 -1.98 -12.71 -15.43
C VAL A 108 -2.19 -14.20 -15.71
N GLN A 109 -1.11 -14.90 -16.13
CA GLN A 109 -1.15 -16.34 -16.47
C GLN A 109 -0.39 -17.15 -15.43
N VAL A 110 -1.03 -18.18 -14.88
CA VAL A 110 -0.44 -19.02 -13.84
C VAL A 110 -0.72 -20.48 -14.11
N SER A 111 -0.13 -21.35 -13.27
CA SER A 111 -0.43 -22.76 -13.21
C SER A 111 -1.28 -22.89 -11.95
N TYR A 112 -2.40 -23.62 -12.07
CA TYR A 112 -3.38 -23.80 -11.02
C TYR A 112 -3.97 -25.16 -11.23
N LYS A 113 -3.84 -26.04 -10.21
CA LYS A 113 -4.36 -27.42 -10.26
C LYS A 113 -3.91 -28.15 -11.55
N GLY A 114 -2.62 -28.04 -11.85
CA GLY A 114 -1.99 -28.68 -13.01
C GLY A 114 -2.45 -28.20 -14.37
N GLU A 115 -3.07 -27.01 -14.42
CA GLU A 115 -3.56 -26.42 -15.66
C GLU A 115 -3.15 -24.97 -15.75
N THR A 116 -2.93 -24.49 -16.99
CA THR A 116 -2.61 -23.08 -17.25
C THR A 116 -3.94 -22.29 -17.25
N LYS A 117 -4.02 -21.23 -16.42
CA LYS A 117 -5.21 -20.38 -16.31
C LYS A 117 -4.80 -18.92 -16.38
N ALA A 118 -5.67 -18.06 -16.97
CA ALA A 118 -5.38 -16.62 -17.11
C ALA A 118 -6.52 -15.81 -16.55
N PHE A 119 -6.17 -14.74 -15.85
CA PHE A 119 -7.15 -13.89 -15.20
C PHE A 119 -6.88 -12.45 -15.50
N TYR A 120 -7.94 -11.69 -15.73
CA TYR A 120 -7.85 -10.24 -15.91
C TYR A 120 -7.46 -9.63 -14.55
N PRO A 121 -6.80 -8.45 -14.53
CA PRO A 121 -6.45 -7.83 -13.23
C PRO A 121 -7.66 -7.63 -12.31
N GLU A 122 -8.82 -7.19 -12.87
CA GLU A 122 -10.04 -7.00 -12.06
C GLU A 122 -10.57 -8.33 -11.50
N GLU A 123 -10.29 -9.47 -12.15
CA GLU A 123 -10.68 -10.78 -11.63
C GLU A 123 -9.82 -11.09 -10.38
N ILE A 124 -8.51 -10.82 -10.46
CA ILE A 124 -7.60 -10.98 -9.29
C ILE A 124 -8.05 -10.03 -8.18
N SER A 125 -8.30 -8.77 -8.50
CA SER A 125 -8.76 -7.81 -7.49
C SER A 125 -10.10 -8.21 -6.86
N SER A 126 -11.02 -8.79 -7.65
CA SER A 126 -12.30 -9.26 -7.14
C SER A 126 -12.11 -10.36 -6.11
N MET A 127 -11.06 -11.19 -6.27
CA MET A 127 -10.75 -12.26 -5.31
C MET A 127 -10.28 -11.63 -3.99
N VAL A 128 -9.43 -10.60 -4.06
CA VAL A 128 -8.96 -9.89 -2.84
C VAL A 128 -10.20 -9.20 -2.22
N LEU A 129 -11.09 -8.61 -3.04
CA LEU A 129 -12.31 -7.98 -2.51
C LEU A 129 -13.25 -8.98 -1.87
N THR A 130 -13.37 -10.19 -2.45
CA THR A 130 -14.16 -11.29 -1.86
C THR A 130 -13.63 -11.60 -0.44
N LYS A 131 -12.29 -11.67 -0.30
CA LYS A 131 -11.63 -11.91 1.00
C LYS A 131 -11.99 -10.81 2.03
N MET A 132 -11.91 -9.52 1.63
CA MET A 132 -12.23 -8.40 2.52
C MET A 132 -13.69 -8.44 2.93
N LYS A 133 -14.57 -8.77 1.98
CA LYS A 133 -16.01 -8.94 2.21
C LYS A 133 -16.23 -10.04 3.27
N GLU A 134 -15.53 -11.15 3.12
CA GLU A 134 -15.58 -12.28 4.02
C GLU A 134 -15.07 -11.97 5.44
N ILE A 135 -14.02 -11.18 5.51
CA ILE A 135 -13.44 -10.79 6.77
C ILE A 135 -14.48 -9.96 7.54
N ALA A 136 -15.13 -9.04 6.84
CA ALA A 136 -16.17 -8.23 7.44
C ALA A 136 -17.38 -9.07 7.89
N GLU A 137 -17.78 -10.04 7.08
CA GLU A 137 -18.92 -10.91 7.37
C GLU A 137 -18.68 -11.79 8.57
N ALA A 138 -17.44 -12.24 8.74
CA ALA A 138 -17.05 -13.09 9.87
C ALA A 138 -17.20 -12.30 11.16
N TYR A 139 -16.80 -11.02 11.14
CA TYR A 139 -16.92 -10.16 12.30
C TYR A 139 -18.38 -9.78 12.52
N LEU A 140 -19.06 -9.30 11.46
CA LEU A 140 -20.44 -8.80 11.60
C LEU A 140 -21.49 -9.87 11.88
N GLY A 141 -21.27 -11.10 11.41
CA GLY A 141 -22.20 -12.21 11.63
C GLY A 141 -23.38 -12.20 10.67
N TYR A 142 -23.27 -11.43 9.57
CA TYR A 142 -24.32 -11.39 8.54
C TYR A 142 -23.72 -11.05 7.18
N PRO A 143 -24.43 -11.26 6.05
CA PRO A 143 -23.83 -10.93 4.74
C PRO A 143 -23.69 -9.42 4.54
N VAL A 144 -22.60 -9.02 3.91
CA VAL A 144 -22.28 -7.60 3.64
C VAL A 144 -22.43 -7.44 2.15
N THR A 145 -23.22 -6.44 1.72
CA THR A 145 -23.44 -6.22 0.29
C THR A 145 -23.06 -4.82 -0.17
N ASN A 146 -22.88 -3.87 0.75
CA ASN A 146 -22.61 -2.48 0.40
C ASN A 146 -21.23 -2.08 0.75
N ALA A 147 -20.56 -1.36 -0.17
CA ALA A 147 -19.18 -0.95 0.09
C ALA A 147 -18.75 0.26 -0.66
N VAL A 148 -17.81 1.01 -0.05
CA VAL A 148 -17.07 2.08 -0.68
C VAL A 148 -15.68 1.46 -0.95
N ILE A 149 -15.16 1.67 -2.16
CA ILE A 149 -13.85 1.18 -2.54
C ILE A 149 -12.99 2.38 -2.91
N THR A 150 -11.77 2.44 -2.38
CA THR A 150 -10.86 3.53 -2.69
C THR A 150 -9.91 3.19 -3.81
N VAL A 151 -9.47 4.24 -4.50
CA VAL A 151 -8.53 4.19 -5.62
C VAL A 151 -7.53 5.36 -5.50
N PRO A 152 -6.37 5.29 -6.18
CA PRO A 152 -5.44 6.44 -6.20
C PRO A 152 -6.11 7.63 -6.90
N ALA A 153 -5.79 8.87 -6.50
CA ALA A 153 -6.37 10.08 -7.10
C ALA A 153 -6.00 10.23 -8.58
N TYR A 154 -4.87 9.64 -9.00
CA TYR A 154 -4.45 9.75 -10.40
C TYR A 154 -5.19 8.76 -11.31
N PHE A 155 -5.97 7.81 -10.75
CA PHE A 155 -6.72 6.82 -11.57
C PHE A 155 -7.64 7.48 -12.57
N ASN A 156 -7.64 6.97 -13.81
CA ASN A 156 -8.43 7.52 -14.90
C ASN A 156 -9.78 6.75 -14.93
N ASP A 157 -10.63 7.08 -15.90
CA ASP A 157 -11.94 6.45 -16.05
C ASP A 157 -11.88 4.94 -16.15
N SER A 158 -10.94 4.41 -16.95
N SER A 158 -10.95 4.41 -16.96
CA SER A 158 -10.81 2.96 -17.14
CA SER A 158 -10.83 2.95 -17.13
C SER A 158 -10.36 2.25 -15.87
C SER A 158 -10.37 2.25 -15.86
N GLN A 159 -9.42 2.85 -15.12
CA GLN A 159 -8.93 2.26 -13.87
C GLN A 159 -10.01 2.28 -12.77
N ARG A 160 -10.77 3.38 -12.69
CA ARG A 160 -11.86 3.49 -11.74
C ARG A 160 -12.95 2.47 -12.09
N GLN A 161 -13.28 2.36 -13.36
CA GLN A 161 -14.33 1.42 -13.77
C GLN A 161 -13.95 -0.05 -13.55
N ALA A 162 -12.70 -0.39 -13.84
CA ALA A 162 -12.22 -1.75 -13.65
C ALA A 162 -12.31 -2.12 -12.13
N THR A 163 -12.02 -1.17 -11.26
CA THR A 163 -12.11 -1.40 -9.81
C THR A 163 -13.56 -1.60 -9.41
N LYS A 164 -14.47 -0.78 -9.95
CA LYS A 164 -15.90 -0.94 -9.69
C LYS A 164 -16.35 -2.35 -10.18
N ASP A 165 -15.91 -2.77 -11.38
CA ASP A 165 -16.19 -4.12 -11.94
C ASP A 165 -15.72 -5.19 -10.98
N ALA A 166 -14.51 -5.01 -10.41
CA ALA A 166 -13.96 -5.96 -9.44
C ALA A 166 -14.88 -6.09 -8.21
N GLY A 167 -15.44 -4.98 -7.72
CA GLY A 167 -16.37 -5.03 -6.59
C GLY A 167 -17.68 -5.69 -6.95
N VAL A 168 -18.19 -5.44 -8.18
CA VAL A 168 -19.46 -6.05 -8.60
C VAL A 168 -19.27 -7.56 -8.84
N ILE A 169 -18.09 -7.98 -9.34
CA ILE A 169 -17.76 -9.42 -9.51
C ILE A 169 -17.69 -10.06 -8.09
N ALA A 170 -17.18 -9.32 -7.10
CA ALA A 170 -17.10 -9.82 -5.71
C ALA A 170 -18.47 -9.86 -4.98
N GLY A 171 -19.52 -9.42 -5.68
CA GLY A 171 -20.87 -9.43 -5.13
C GLY A 171 -21.18 -8.23 -4.26
N LEU A 172 -20.46 -7.13 -4.47
CA LEU A 172 -20.69 -5.89 -3.72
C LEU A 172 -21.47 -4.90 -4.54
N ASN A 173 -22.32 -4.11 -3.87
CA ASN A 173 -22.97 -2.96 -4.48
C ASN A 173 -21.97 -1.86 -4.13
N VAL A 174 -21.29 -1.32 -5.12
CA VAL A 174 -20.26 -0.30 -4.94
C VAL A 174 -20.93 1.06 -4.81
N LEU A 175 -21.11 1.55 -3.56
CA LEU A 175 -21.74 2.85 -3.25
C LEU A 175 -21.01 4.00 -3.95
N ARG A 176 -19.68 4.01 -3.87
CA ARG A 176 -18.86 5.01 -4.51
C ARG A 176 -17.41 4.53 -4.63
N ILE A 177 -16.76 4.94 -5.70
CA ILE A 177 -15.32 4.73 -5.87
C ILE A 177 -14.75 6.09 -5.40
N ILE A 178 -13.98 6.11 -4.29
CA ILE A 178 -13.50 7.42 -3.85
C ILE A 178 -11.97 7.47 -3.80
N ASN A 179 -11.38 8.65 -3.93
CA ASN A 179 -9.93 8.79 -3.91
C ASN A 179 -9.34 8.48 -2.53
N GLU A 180 -8.26 7.70 -2.51
CA GLU A 180 -7.50 7.38 -1.30
C GLU A 180 -7.12 8.63 -0.46
N PRO A 181 -6.49 9.70 -1.03
CA PRO A 181 -6.16 10.88 -0.20
C PRO A 181 -7.43 11.54 0.37
N THR A 182 -8.56 11.47 -0.36
CA THR A 182 -9.83 12.03 0.10
C THR A 182 -10.31 11.23 1.31
N ALA A 183 -10.25 9.89 1.22
CA ALA A 183 -10.59 9.00 2.35
C ALA A 183 -9.72 9.34 3.55
N ALA A 184 -8.40 9.55 3.32
CA ALA A 184 -7.48 9.94 4.41
C ALA A 184 -7.89 11.26 5.04
N ALA A 185 -8.23 12.28 4.21
CA ALA A 185 -8.70 13.59 4.71
C ALA A 185 -10.00 13.42 5.53
N ILE A 186 -10.93 12.56 5.05
CA ILE A 186 -12.20 12.28 5.76
C ILE A 186 -11.92 11.60 7.11
N ALA A 187 -10.96 10.65 7.15
CA ALA A 187 -10.63 9.98 8.41
C ALA A 187 -10.23 11.02 9.49
N TYR A 188 -9.55 12.12 9.08
CA TYR A 188 -9.13 13.18 9.97
C TYR A 188 -10.17 14.28 10.18
N GLY A 189 -11.37 14.07 9.65
CA GLY A 189 -12.48 15.00 9.78
C GLY A 189 -12.24 16.36 9.14
N LEU A 190 -11.36 16.40 8.14
CA LEU A 190 -10.96 17.64 7.46
C LEU A 190 -12.05 18.24 6.58
N ASP A 191 -13.11 17.47 6.28
CA ASP A 191 -14.27 17.91 5.54
C ASP A 191 -15.38 18.43 6.50
N ARG A 192 -15.13 18.40 7.82
CA ARG A 192 -16.16 18.83 8.81
C ARG A 192 -15.89 20.19 9.46
N THR A 193 -15.02 21.00 8.86
CA THR A 193 -14.66 22.32 9.41
C THR A 193 -15.71 23.43 9.09
N GLY A 194 -16.60 23.18 8.13
CA GLY A 194 -17.63 24.13 7.75
C GLY A 194 -17.17 25.12 6.68
N GLY A 196 -14.93 27.96 4.78
CA GLY A 196 -14.06 28.45 3.71
C GLY A 196 -13.27 27.36 2.99
N GLU A 197 -12.44 27.75 2.01
CA GLU A 197 -11.61 26.86 1.20
C GLU A 197 -10.26 26.64 1.88
N ARG A 198 -9.81 25.37 1.92
CA ARG A 198 -8.54 24.92 2.50
C ARG A 198 -7.82 23.96 1.53
N ASN A 199 -6.49 24.04 1.50
CA ASN A 199 -5.63 23.18 0.68
C ASN A 199 -5.02 22.17 1.61
N VAL A 200 -5.12 20.91 1.25
N VAL A 200 -5.14 20.90 1.25
CA VAL A 200 -4.61 19.79 2.05
CA VAL A 200 -4.61 19.79 2.04
C VAL A 200 -3.63 18.98 1.20
C VAL A 200 -3.64 18.94 1.20
N LEU A 201 -2.50 18.55 1.80
CA LEU A 201 -1.51 17.73 1.13
C LEU A 201 -1.46 16.38 1.86
N ILE A 202 -1.61 15.31 1.08
CA ILE A 202 -1.52 13.93 1.55
C ILE A 202 -0.19 13.37 1.04
N PHE A 203 0.63 12.91 1.97
CA PHE A 203 1.95 12.34 1.73
C PHE A 203 1.82 10.86 2.06
N ASP A 204 1.83 10.04 1.02
CA ASP A 204 1.59 8.63 1.10
C ASP A 204 2.77 7.79 0.66
N LEU A 205 3.51 7.24 1.65
CA LEU A 205 4.67 6.43 1.34
C LEU A 205 4.45 5.02 1.84
N GLY A 206 4.26 4.10 0.91
CA GLY A 206 3.95 2.70 1.23
C GLY A 206 5.16 1.79 1.13
N GLY A 207 4.87 0.50 0.92
CA GLY A 207 5.93 -0.49 0.75
C GLY A 207 6.66 -0.37 -0.58
N GLY A 208 5.96 0.09 -1.62
CA GLY A 208 6.56 0.16 -2.94
C GLY A 208 6.10 1.29 -3.84
N THR A 209 5.29 2.22 -3.32
CA THR A 209 4.78 3.38 -4.08
C THR A 209 4.86 4.62 -3.24
N PHE A 210 4.98 5.76 -3.90
CA PHE A 210 5.02 7.05 -3.20
C PHE A 210 4.06 7.94 -3.95
N ASP A 211 3.02 8.45 -3.24
CA ASP A 211 2.02 9.34 -3.83
C ASP A 211 1.86 10.61 -3.02
N VAL A 212 1.85 11.75 -3.70
CA VAL A 212 1.59 13.06 -3.10
C VAL A 212 0.32 13.55 -3.82
N SER A 213 -0.66 14.05 -3.06
CA SER A 213 -1.89 14.58 -3.64
C SER A 213 -2.22 15.89 -2.95
N ILE A 214 -2.70 16.88 -3.72
CA ILE A 214 -3.13 18.15 -3.17
C ILE A 214 -4.63 18.22 -3.46
N LEU A 215 -5.42 18.37 -2.40
CA LEU A 215 -6.85 18.52 -2.54
C LEU A 215 -7.25 19.89 -2.02
N THR A 216 -8.36 20.41 -2.53
CA THR A 216 -8.96 21.59 -1.95
C THR A 216 -10.26 21.12 -1.34
N ILE A 217 -10.58 21.66 -0.17
CA ILE A 217 -11.80 21.34 0.54
C ILE A 217 -12.53 22.66 0.72
N ASP A 218 -13.71 22.76 0.10
CA ASP A 218 -14.57 23.95 0.17
C ASP A 218 -15.95 23.49 0.60
N ASP A 219 -16.35 23.86 1.84
CA ASP A 219 -17.64 23.49 2.43
C ASP A 219 -17.96 21.98 2.30
N GLY A 220 -16.98 21.14 2.66
CA GLY A 220 -17.08 19.68 2.59
C GLY A 220 -16.93 19.06 1.21
N ILE A 221 -16.75 19.89 0.16
CA ILE A 221 -16.59 19.38 -1.20
C ILE A 221 -15.09 19.28 -1.50
N PHE A 222 -14.67 18.15 -2.06
CA PHE A 222 -13.29 17.88 -2.41
C PHE A 222 -13.08 18.04 -3.88
N GLU A 223 -11.91 18.56 -4.23
CA GLU A 223 -11.44 18.69 -5.60
C GLU A 223 -9.98 18.27 -5.59
N VAL A 224 -9.56 17.44 -6.56
CA VAL A 224 -8.15 17.05 -6.68
C VAL A 224 -7.48 18.19 -7.46
N LYS A 225 -6.43 18.79 -6.90
CA LYS A 225 -5.72 19.88 -7.56
C LYS A 225 -4.43 19.44 -8.24
N ALA A 226 -3.76 18.39 -7.68
CA ALA A 226 -2.52 17.84 -8.22
C ALA A 226 -2.22 16.47 -7.65
N THR A 227 -1.54 15.64 -8.45
CA THR A 227 -1.05 14.33 -8.03
C THR A 227 0.38 14.23 -8.55
N ALA A 228 1.29 13.68 -7.75
CA ALA A 228 2.69 13.50 -8.12
C ALA A 228 3.22 12.32 -7.33
N GLY A 229 4.44 11.90 -7.61
CA GLY A 229 5.01 10.81 -6.83
C GLY A 229 6.05 10.02 -7.58
N ASP A 230 6.28 8.81 -7.11
CA ASP A 230 7.21 7.91 -7.73
C ASP A 230 6.58 6.55 -7.51
N THR A 231 6.13 5.93 -8.61
CA THR A 231 5.43 4.64 -8.63
C THR A 231 6.27 3.45 -8.15
N HIS A 232 7.60 3.62 -8.08
CA HIS A 232 8.51 2.55 -7.68
C HIS A 232 9.42 2.98 -6.52
N LEU A 233 8.88 3.79 -5.60
CA LEU A 233 9.63 4.21 -4.43
C LEU A 233 8.85 3.86 -3.19
N GLY A 234 9.47 3.13 -2.28
CA GLY A 234 8.83 2.83 -1.02
C GLY A 234 9.76 2.13 -0.06
N GLY A 235 9.16 1.56 0.98
CA GLY A 235 9.85 0.83 2.04
C GLY A 235 10.79 -0.25 1.56
N GLU A 236 10.43 -0.96 0.47
N GLU A 236 10.42 -0.96 0.46
CA GLU A 236 11.28 -2.02 -0.10
CA GLU A 236 11.24 -2.02 -0.14
C GLU A 236 12.65 -1.48 -0.53
C GLU A 236 12.61 -1.49 -0.57
N ASP A 237 12.68 -0.23 -1.04
CA ASP A 237 13.95 0.42 -1.47
C ASP A 237 14.90 0.65 -0.31
N PHE A 238 14.34 0.97 0.87
CA PHE A 238 15.11 1.20 2.10
C PHE A 238 15.58 -0.18 2.63
N ASP A 239 14.75 -1.24 2.41
CA ASP A 239 15.18 -2.60 2.76
C ASP A 239 16.35 -2.95 1.86
N ASN A 240 16.28 -2.59 0.56
CA ASN A 240 17.34 -2.88 -0.41
C ASN A 240 18.67 -2.24 -0.02
N ARG A 241 18.64 -1.00 0.51
CA ARG A 241 19.88 -0.30 0.94
C ARG A 241 20.53 -1.02 2.09
N LEU A 242 19.71 -1.57 3.00
CA LEU A 242 20.25 -2.33 4.15
C LEU A 242 20.86 -3.65 3.68
N VAL A 243 20.15 -4.39 2.81
CA VAL A 243 20.62 -5.66 2.24
C VAL A 243 22.01 -5.47 1.57
N ASN A 244 22.13 -4.47 0.71
CA ASN A 244 23.37 -4.22 -0.02
C ASN A 244 24.53 -3.91 0.91
N HIS A 245 24.26 -3.13 1.96
CA HIS A 245 25.23 -2.77 3.00
C HIS A 245 25.74 -4.05 3.72
N PHE A 246 24.81 -4.91 4.17
CA PHE A 246 25.18 -6.14 4.89
C PHE A 246 25.81 -7.22 4.00
N VAL A 247 25.45 -7.26 2.71
CA VAL A 247 26.09 -8.18 1.73
C VAL A 247 27.58 -7.76 1.58
N GLU A 248 27.84 -6.43 1.54
CA GLU A 248 29.21 -5.89 1.45
C GLU A 248 29.97 -6.09 2.75
N GLU A 249 29.30 -5.90 3.90
CA GLU A 249 29.89 -6.13 5.21
C GLU A 249 30.29 -7.62 5.37
N PHE A 250 29.45 -8.55 4.86
CA PHE A 250 29.77 -9.99 4.94
C PHE A 250 30.98 -10.31 4.07
N LYS A 251 31.05 -9.71 2.85
CA LYS A 251 32.18 -9.88 1.92
C LYS A 251 33.49 -9.44 2.55
N ARG A 252 33.47 -8.28 3.24
CA ARG A 252 34.60 -7.68 3.92
C ARG A 252 35.08 -8.58 5.06
N LYS A 253 34.15 -8.97 5.95
CA LYS A 253 34.44 -9.77 7.15
C LYS A 253 34.72 -11.25 6.92
N HIS A 254 34.11 -11.87 5.89
CA HIS A 254 34.22 -13.32 5.71
C HIS A 254 34.76 -13.78 4.36
N LYS A 255 34.97 -12.86 3.40
CA LYS A 255 35.49 -13.13 2.07
C LYS A 255 34.56 -14.08 1.27
N LYS A 256 33.24 -13.96 1.52
CA LYS A 256 32.23 -14.75 0.84
C LYS A 256 31.08 -13.86 0.40
N ASP A 257 30.53 -14.18 -0.78
CA ASP A 257 29.41 -13.45 -1.35
C ASP A 257 28.17 -14.30 -1.12
N ILE A 258 27.21 -13.80 -0.35
CA ILE A 258 25.97 -14.54 -0.07
C ILE A 258 24.90 -14.34 -1.17
N SER A 259 25.11 -13.37 -2.10
N SER A 259 25.13 -13.39 -2.11
CA SER A 259 24.16 -12.95 -3.14
CA SER A 259 24.21 -12.97 -3.17
C SER A 259 23.64 -14.05 -4.07
C SER A 259 23.64 -14.07 -4.05
N GLN A 260 24.40 -15.13 -4.33
CA GLN A 260 23.92 -16.21 -5.20
C GLN A 260 23.19 -17.32 -4.44
N ASN A 261 22.98 -17.16 -3.12
CA ASN A 261 22.21 -18.16 -2.38
C ASN A 261 20.86 -17.50 -2.12
N LYS A 262 19.82 -17.92 -2.85
CA LYS A 262 18.46 -17.36 -2.74
C LYS A 262 17.94 -17.36 -1.32
N ARG A 263 18.13 -18.48 -0.58
CA ARG A 263 17.62 -18.56 0.79
C ARG A 263 18.34 -17.56 1.70
N ALA A 264 19.67 -17.42 1.58
CA ALA A 264 20.45 -16.48 2.40
C ALA A 264 19.98 -15.03 2.21
N VAL A 265 19.85 -14.62 0.93
CA VAL A 265 19.39 -13.25 0.55
C VAL A 265 18.00 -12.98 1.17
N ARG A 266 17.07 -13.97 1.09
CA ARG A 266 15.71 -13.84 1.63
C ARG A 266 15.73 -13.66 3.13
N ARG A 267 16.51 -14.50 3.83
CA ARG A 267 16.65 -14.42 5.29
C ARG A 267 17.25 -13.08 5.70
N LEU A 268 18.25 -12.60 4.95
CA LEU A 268 18.86 -11.31 5.22
C LEU A 268 17.84 -10.17 4.99
N ARG A 269 17.13 -10.19 3.86
CA ARG A 269 16.11 -9.20 3.54
C ARG A 269 15.05 -9.10 4.63
N THR A 270 14.52 -10.26 5.08
CA THR A 270 13.52 -10.34 6.14
C THR A 270 14.04 -9.67 7.43
N ALA A 271 15.31 -9.95 7.80
CA ALA A 271 15.92 -9.37 8.99
C ALA A 271 16.11 -7.85 8.81
N CYS A 272 16.47 -7.40 7.59
CA CYS A 272 16.66 -5.97 7.28
C CYS A 272 15.35 -5.20 7.41
N GLU A 273 14.26 -5.77 6.95
CA GLU A 273 12.98 -5.06 7.06
C GLU A 273 12.58 -4.90 8.52
N ARG A 274 12.81 -5.93 9.35
CA ARG A 274 12.51 -5.91 10.79
C ARG A 274 13.43 -4.86 11.47
N ALA A 275 14.74 -4.84 11.13
CA ALA A 275 15.65 -3.87 11.77
C ALA A 275 15.26 -2.44 11.41
N LYS A 276 14.86 -2.21 10.13
CA LYS A 276 14.41 -0.88 9.69
C LYS A 276 13.24 -0.38 10.58
N ARG A 277 12.23 -1.24 10.83
CA ARG A 277 11.08 -0.90 11.70
C ARG A 277 11.54 -0.55 13.12
N THR A 278 12.46 -1.34 13.68
CA THR A 278 13.05 -1.03 14.99
C THR A 278 13.68 0.36 14.99
N LEU A 279 14.36 0.73 13.88
CA LEU A 279 15.05 2.03 13.79
C LEU A 279 14.12 3.24 13.76
N SER A 280 12.80 3.02 13.62
CA SER A 280 11.80 4.09 13.67
C SER A 280 11.46 4.47 15.11
N SER A 281 11.72 3.56 16.09
CA SER A 281 11.46 3.83 17.51
C SER A 281 12.70 3.70 18.41
N SER A 282 13.80 3.12 17.88
CA SER A 282 15.09 2.98 18.56
C SER A 282 16.18 3.63 17.70
N THR A 283 17.30 4.02 18.32
CA THR A 283 18.41 4.66 17.61
C THR A 283 19.44 3.63 17.10
N GLN A 284 19.19 2.35 17.39
CA GLN A 284 20.05 1.24 16.93
C GLN A 284 19.26 -0.04 16.86
N ALA A 285 19.71 -0.97 16.03
CA ALA A 285 19.11 -2.28 15.87
C ALA A 285 20.16 -3.32 15.56
N SER A 286 19.97 -4.53 16.10
N SER A 286 19.98 -4.53 16.11
CA SER A 286 20.87 -5.66 15.90
CA SER A 286 20.86 -5.67 15.92
C SER A 286 20.15 -6.72 15.08
C SER A 286 20.14 -6.67 15.04
N LEU A 287 20.89 -7.38 14.17
CA LEU A 287 20.36 -8.43 13.29
C LEU A 287 21.22 -9.65 13.63
N GLU A 288 20.63 -10.83 13.74
CA GLU A 288 21.38 -12.06 13.96
C GLU A 288 20.71 -13.18 13.17
N ILE A 289 21.49 -13.91 12.34
CA ILE A 289 20.94 -14.98 11.51
C ILE A 289 21.87 -16.18 11.61
N ASP A 290 21.38 -17.28 12.16
CA ASP A 290 22.21 -18.47 12.31
C ASP A 290 22.46 -19.16 10.97
N SER A 291 23.73 -19.60 10.70
CA SER A 291 24.14 -20.30 9.48
C SER A 291 23.57 -19.61 8.26
N LEU A 292 23.85 -18.30 8.16
CA LEU A 292 23.39 -17.47 7.06
C LEU A 292 23.93 -18.00 5.73
N PHE A 293 25.22 -18.27 5.69
CA PHE A 293 25.91 -18.77 4.51
C PHE A 293 27.19 -19.43 4.96
N GLU A 294 27.53 -20.59 4.34
CA GLU A 294 28.70 -21.41 4.66
C GLU A 294 28.77 -21.75 6.16
N GLY A 295 27.60 -21.96 6.76
CA GLY A 295 27.42 -22.30 8.17
C GLY A 295 27.80 -21.20 9.15
N ILE A 296 28.00 -19.95 8.67
CA ILE A 296 28.42 -18.80 9.50
C ILE A 296 27.20 -18.10 10.12
N ASP A 297 27.19 -17.99 11.46
CA ASP A 297 26.16 -17.23 12.18
C ASP A 297 26.49 -15.75 12.02
N PHE A 298 25.59 -14.99 11.40
CA PHE A 298 25.86 -13.59 11.15
C PHE A 298 25.25 -12.70 12.20
N TYR A 299 26.08 -11.97 12.95
CA TYR A 299 25.59 -10.99 13.89
C TYR A 299 26.05 -9.61 13.40
N THR A 300 25.15 -8.63 13.44
CA THR A 300 25.52 -7.27 13.07
C THR A 300 24.68 -6.28 13.79
N SER A 301 25.07 -5.00 13.70
CA SER A 301 24.34 -3.92 14.32
C SER A 301 24.38 -2.73 13.38
N ILE A 302 23.39 -1.85 13.50
CA ILE A 302 23.30 -0.63 12.70
C ILE A 302 22.59 0.44 13.50
N THR A 303 23.06 1.68 13.38
CA THR A 303 22.49 2.86 14.05
C THR A 303 21.44 3.47 13.14
N ARG A 304 20.51 4.26 13.73
CA ARG A 304 19.52 5.00 12.94
C ARG A 304 20.30 5.98 12.03
N ALA A 305 21.36 6.65 12.58
CA ALA A 305 22.15 7.59 11.79
C ALA A 305 22.72 6.94 10.52
N ARG A 306 23.30 5.72 10.63
CA ARG A 306 23.88 5.04 9.48
C ARG A 306 22.81 4.63 8.46
N PHE A 307 21.64 4.20 8.95
CA PHE A 307 20.54 3.83 8.05
C PHE A 307 20.03 5.07 7.30
N GLU A 308 19.91 6.21 8.00
CA GLU A 308 19.51 7.50 7.39
C GLU A 308 20.52 7.92 6.32
N GLU A 309 21.82 7.73 6.59
CA GLU A 309 22.85 8.02 5.61
C GLU A 309 22.68 7.07 4.38
N LEU A 310 22.51 5.76 4.62
CA LEU A 310 22.38 4.76 3.54
C LEU A 310 21.18 5.06 2.64
N CYS A 311 20.14 5.70 3.20
CA CYS A 311 18.92 6.02 2.46
C CYS A 311 18.78 7.49 2.14
N SER A 312 19.80 8.31 2.44
CA SER A 312 19.72 9.77 2.37
C SER A 312 19.09 10.31 1.11
N ASP A 313 19.58 9.89 -0.08
CA ASP A 313 19.09 10.35 -1.38
C ASP A 313 17.63 9.95 -1.62
N LEU A 314 17.21 8.75 -1.18
CA LEU A 314 15.81 8.29 -1.32
C LEU A 314 14.86 9.11 -0.49
N PHE A 315 15.22 9.39 0.78
CA PHE A 315 14.37 10.17 1.68
C PHE A 315 14.29 11.60 1.15
N ARG A 316 15.43 12.15 0.78
CA ARG A 316 15.51 13.52 0.27
C ARG A 316 14.70 13.64 -1.07
N SER A 317 14.71 12.58 -1.89
CA SER A 317 13.92 12.60 -3.15
C SER A 317 12.40 12.68 -2.95
N THR A 318 11.87 12.40 -1.72
CA THR A 318 10.40 12.49 -1.50
C THR A 318 9.89 13.94 -1.55
N LEU A 319 10.81 14.90 -1.43
CA LEU A 319 10.42 16.32 -1.53
C LEU A 319 10.22 16.79 -2.97
N GLU A 320 10.82 16.10 -3.96
CA GLU A 320 10.65 16.51 -5.37
C GLU A 320 9.17 16.38 -5.82
N PRO A 321 8.44 15.25 -5.58
CA PRO A 321 7.01 15.24 -5.92
C PRO A 321 6.18 16.22 -5.09
N VAL A 322 6.64 16.61 -3.86
CA VAL A 322 5.92 17.61 -3.04
C VAL A 322 6.01 18.96 -3.81
N GLU A 323 7.23 19.34 -4.20
CA GLU A 323 7.49 20.57 -4.96
C GLU A 323 6.77 20.55 -6.28
N LYS A 324 6.80 19.41 -6.97
CA LYS A 324 6.11 19.21 -8.24
C LYS A 324 4.55 19.35 -8.12
N ALA A 325 3.92 18.66 -7.15
CA ALA A 325 2.48 18.77 -6.90
C ALA A 325 2.15 20.25 -6.62
N LEU A 326 3.00 20.95 -5.84
CA LEU A 326 2.75 22.38 -5.55
C LEU A 326 2.78 23.25 -6.80
N ARG A 327 3.74 23.01 -7.72
CA ARG A 327 3.83 23.73 -8.99
C ARG A 327 2.55 23.49 -9.82
N ASP A 328 2.14 22.21 -9.96
CA ASP A 328 0.95 21.82 -10.72
C ASP A 328 -0.35 22.41 -10.18
N ALA A 329 -0.48 22.46 -8.86
CA ALA A 329 -1.63 23.06 -8.17
C ALA A 329 -1.52 24.60 -8.18
N LYS A 330 -0.39 25.19 -8.64
CA LYS A 330 -0.14 26.65 -8.64
C LYS A 330 -0.21 27.24 -7.22
N LEU A 331 0.35 26.48 -6.25
CA LEU A 331 0.34 26.89 -4.83
C LEU A 331 1.74 27.01 -4.27
N ASP A 332 1.92 27.96 -3.38
CA ASP A 332 3.13 28.11 -2.61
C ASP A 332 2.95 27.11 -1.43
N LYS A 333 4.05 26.63 -0.84
CA LYS A 333 3.97 25.72 0.32
C LYS A 333 3.24 26.39 1.52
N ALA A 334 3.31 27.73 1.64
CA ALA A 334 2.62 28.43 2.72
C ALA A 334 1.08 28.39 2.55
N GLN A 335 0.60 27.94 1.37
CA GLN A 335 -0.85 27.85 1.11
C GLN A 335 -1.45 26.49 1.47
N ILE A 336 -0.62 25.56 1.94
CA ILE A 336 -1.09 24.24 2.41
C ILE A 336 -1.49 24.40 3.88
N HIS A 337 -2.77 24.18 4.17
CA HIS A 337 -3.33 24.27 5.51
C HIS A 337 -3.11 23.00 6.33
N ASP A 338 -3.25 21.80 5.71
CA ASP A 338 -3.14 20.52 6.44
C ASP A 338 -2.27 19.55 5.73
N LEU A 339 -1.50 18.79 6.51
CA LEU A 339 -0.57 17.76 6.06
C LEU A 339 -1.04 16.44 6.63
N VAL A 340 -1.21 15.40 5.76
CA VAL A 340 -1.70 14.09 6.17
C VAL A 340 -0.70 13.00 5.78
N LEU A 341 -0.32 12.14 6.75
CA LEU A 341 0.60 11.04 6.50
C LEU A 341 -0.17 9.76 6.32
N VAL A 342 0.11 9.01 5.24
CA VAL A 342 -0.53 7.71 4.92
C VAL A 342 0.64 6.79 4.53
N GLY A 343 0.50 5.50 4.78
CA GLY A 343 1.54 4.53 4.42
C GLY A 343 2.49 4.24 5.55
N GLY A 344 2.77 2.95 5.70
CA GLY A 344 3.62 2.42 6.76
C GLY A 344 4.99 3.06 6.90
N SER A 345 5.59 3.45 5.76
CA SER A 345 6.93 4.03 5.72
C SER A 345 7.00 5.46 6.25
N THR A 346 5.86 6.12 6.46
CA THR A 346 5.84 7.48 7.02
C THR A 346 6.18 7.45 8.54
N ARG A 347 6.28 6.25 9.14
CA ARG A 347 6.69 6.12 10.54
C ARG A 347 8.18 6.48 10.69
N ILE A 348 8.95 6.52 9.57
CA ILE A 348 10.38 6.83 9.65
C ILE A 348 10.62 8.27 10.16
N PRO A 349 11.31 8.47 11.32
CA PRO A 349 11.52 9.84 11.83
C PRO A 349 12.11 10.82 10.82
N LYS A 350 13.14 10.40 10.07
CA LYS A 350 13.80 11.28 9.10
C LYS A 350 12.83 11.74 8.01
N VAL A 351 11.90 10.85 7.59
CA VAL A 351 10.88 11.15 6.59
C VAL A 351 9.97 12.26 7.13
N GLN A 352 9.48 12.08 8.36
CA GLN A 352 8.64 13.07 9.04
C GLN A 352 9.36 14.39 9.19
N LYS A 353 10.68 14.33 9.55
CA LYS A 353 11.49 15.54 9.72
C LYS A 353 11.63 16.30 8.41
N LEU A 354 11.96 15.61 7.31
CA LEU A 354 12.13 16.28 6.01
C LEU A 354 10.87 17.01 5.60
N LEU A 355 9.71 16.38 5.77
CA LEU A 355 8.41 16.93 5.39
C LEU A 355 8.03 18.12 6.25
N GLN A 356 8.10 17.95 7.59
CA GLN A 356 7.78 19.03 8.53
C GLN A 356 8.66 20.26 8.33
N ASP A 357 9.99 20.06 8.19
CA ASP A 357 10.94 21.16 7.99
C ASP A 357 10.64 21.89 6.69
N PHE A 358 10.29 21.12 5.64
CA PHE A 358 9.91 21.69 4.35
C PHE A 358 8.70 22.60 4.53
N PHE A 359 7.76 22.19 5.41
CA PHE A 359 6.58 23.00 5.69
C PHE A 359 6.71 23.92 6.92
N ASN A 360 7.97 24.34 7.22
N ASN A 360 7.95 24.35 7.23
CA ASN A 360 8.30 25.30 8.28
CA ASN A 360 8.24 25.29 8.32
C ASN A 360 7.73 24.90 9.66
C ASN A 360 7.71 24.89 9.69
N GLY A 361 7.80 23.62 10.00
CA GLY A 361 7.35 23.09 11.29
C GLY A 361 5.88 22.85 11.50
N ARG A 362 5.08 22.89 10.42
CA ARG A 362 3.63 22.66 10.47
C ARG A 362 3.38 21.25 11.05
N ASP A 363 2.31 21.06 11.84
CA ASP A 363 1.99 19.74 12.39
C ASP A 363 1.64 18.74 11.30
N LEU A 364 1.87 17.46 11.59
CA LEU A 364 1.51 16.39 10.67
C LEU A 364 0.30 15.69 11.25
N ASN A 365 -0.72 15.41 10.44
CA ASN A 365 -1.86 14.66 10.91
C ASN A 365 -1.44 13.20 10.77
N LYS A 366 -1.04 12.60 11.87
CA LYS A 366 -0.54 11.22 11.86
C LYS A 366 -1.04 10.26 12.95
N SER A 367 -1.89 10.73 13.85
CA SER A 367 -2.36 9.89 14.92
C SER A 367 -3.14 8.63 14.48
N ILE A 368 -3.76 8.66 13.31
CA ILE A 368 -4.50 7.48 12.84
C ILE A 368 -3.45 6.58 12.19
N ASN A 369 -3.44 5.28 12.55
CA ASN A 369 -2.50 4.31 12.01
C ASN A 369 -2.41 4.55 10.48
N PRO A 370 -1.21 4.92 9.94
CA PRO A 370 -1.09 5.26 8.51
C PRO A 370 -1.44 4.16 7.53
N ASP A 371 -1.49 2.91 7.97
CA ASP A 371 -1.87 1.78 7.10
C ASP A 371 -3.39 1.55 7.12
N GLU A 372 -4.09 2.21 8.06
CA GLU A 372 -5.53 2.07 8.25
C GLU A 372 -6.34 3.33 7.95
N ALA A 373 -5.68 4.52 7.81
CA ALA A 373 -6.38 5.80 7.59
C ALA A 373 -7.35 5.82 6.38
N VAL A 374 -6.92 5.28 5.25
CA VAL A 374 -7.72 5.25 4.04
C VAL A 374 -9.01 4.38 4.26
N ALA A 375 -8.87 3.16 4.82
CA ALA A 375 -10.04 2.30 5.06
C ALA A 375 -10.98 2.97 6.09
N TYR A 376 -10.38 3.65 7.07
CA TYR A 376 -11.08 4.37 8.13
C TYR A 376 -12.02 5.43 7.49
N GLY A 377 -11.48 6.24 6.57
CA GLY A 377 -12.25 7.26 5.86
C GLY A 377 -13.29 6.67 4.91
N ALA A 378 -12.95 5.50 4.28
CA ALA A 378 -13.88 4.79 3.38
C ALA A 378 -15.09 4.27 4.21
N ALA A 379 -14.84 3.79 5.46
CA ALA A 379 -15.89 3.30 6.38
C ALA A 379 -16.81 4.45 6.81
N VAL A 380 -16.22 5.60 7.16
CA VAL A 380 -16.97 6.81 7.52
C VAL A 380 -17.89 7.18 6.35
N GLN A 381 -17.33 7.30 5.14
CA GLN A 381 -18.10 7.70 3.98
C GLN A 381 -19.15 6.67 3.56
N ALA A 382 -18.85 5.34 3.73
CA ALA A 382 -19.80 4.28 3.43
C ALA A 382 -21.07 4.39 4.28
N ALA A 383 -20.93 4.73 5.59
CA ALA A 383 -22.10 4.87 6.49
C ALA A 383 -22.97 6.06 6.09
N ILE A 384 -22.36 7.15 5.62
CA ILE A 384 -23.07 8.35 5.17
C ILE A 384 -23.84 8.02 3.88
N LEU A 385 -23.19 7.32 2.96
CA LEU A 385 -23.78 6.97 1.67
C LEU A 385 -24.87 5.92 1.74
N ILE A 386 -24.74 4.93 2.65
CA ILE A 386 -25.79 3.89 2.75
C ILE A 386 -27.06 4.48 3.38
N LYS A 387 -26.89 5.51 4.22
CA LYS A 387 -27.96 6.23 4.89
C LYS A 387 -28.76 6.98 3.83
N SER A 388 -28.07 7.77 2.98
CA SER A 388 -28.71 8.53 1.90
C SER A 388 -29.40 7.64 0.87
N THR A 389 -28.72 6.57 0.39
CA THR A 389 -29.28 5.62 -0.59
C THR A 389 -30.56 4.93 -0.06
N ARG A 390 -30.58 4.53 1.24
CA ARG A 390 -31.73 3.91 1.90
C ARG A 390 -32.90 4.90 2.07
N ALA A 391 -32.60 6.21 2.17
C TI8 B . 7.96 1.38 10.74
C1 TI8 B . 7.17 0.71 9.79
C2 TI8 B . 7.60 0.75 8.48
C3 TI8 B . 6.79 -0.35 6.35
C4 TI8 B . 7.15 -1.80 6.06
C5 TI8 B . 6.74 -1.86 4.60
C6 TI8 B . 5.43 -1.06 4.61
C7 TI8 B . 4.17 -1.89 4.67
C8 TI8 B . 2.93 -1.12 5.14
C9 TI8 B . 1.69 -1.98 5.16
C10 TI8 B . 0.79 -3.58 6.70
N TI8 B . 7.68 1.43 12.05
O TI8 B . 8.54 -2.02 6.25
O2 TI8 B . 1.88 -3.07 6.10
C12 TI8 B . 2.33 -4.95 7.99
C21 TI8 B . 9.37 1.99 9.00
C11 TI8 B . 1.13 -4.60 7.71
N1 TI8 B . 6.69 0.01 7.76
C16 TI8 B . 3.80 -3.16 11.35
N2 TI8 B . 4.66 -1.13 8.37
O3 TI8 B . -0.33 -3.23 6.43
C14 TI8 B . 3.73 -1.55 9.41
C15 TI8 B . 4.12 -2.87 10.03
C13 TI8 B . 5.75 -0.42 8.68
O1 TI8 B . 7.73 -1.23 3.80
C20 TI8 B . 4.78 -3.83 9.29
N3 TI8 B . 5.99 -0.02 9.90
O4 TI8 B . 5.53 -0.16 5.74
C17 TI8 B . 4.16 -4.37 11.93
C18 TI8 B . 4.82 -5.30 11.16
C19 TI8 B . 5.14 -5.04 9.84
N4 TI8 B . 8.70 1.38 8.01
CL TI8 B . 5.26 -6.83 11.87
N5 TI8 B . 9.06 2.04 10.31
CAC FLC C . 30.97 1.51 3.23
CA FLC C . 31.09 0.00 3.39
CB FLC C . 29.79 -0.74 3.77
CBC FLC C . 28.73 -0.60 2.65
CG FLC C . 29.98 -2.26 3.94
CGC FLC C . 31.11 -2.71 4.85
OA1 FLC C . 29.86 1.99 2.92
OA2 FLC C . 32.01 2.19 3.39
OB1 FLC C . 27.62 -0.18 3.00
OB2 FLC C . 29.08 -0.85 1.49
OG1 FLC C . 30.99 -2.54 6.08
OG2 FLC C . 32.10 -3.22 4.31
OHB FLC C . 29.31 -0.21 4.99
#